data_4CN7
#
_entry.id   4CN7
#
_cell.length_a   37.630
_cell.length_b   65.350
_cell.length_c   209.120
_cell.angle_alpha   90.00
_cell.angle_beta   90.00
_cell.angle_gamma   90.00
#
_symmetry.space_group_name_H-M   'P 21 21 21'
#
loop_
_entity.id
_entity.type
_entity.pdbx_description
1 polymer 'RETINOIC ACID RECEPTOR RXR-ALPHA'
2 polymer "5'-D(*CP*TP*AP*GP*GP*TP*CP*AP*AP*AP*GP*GP*TP*CP *AP*GP)-3'"
3 polymer "5'-D(*CP*TP*GP*AP*CP*CP*TP*TP*TP*GP*AP*CP*CP*TP *AP*GP)-3'"
4 non-polymer 'ZINC ION'
5 non-polymer 'CHLORIDE ION'
6 water water
#
loop_
_entity_poly.entity_id
_entity_poly.type
_entity_poly.pdbx_seq_one_letter_code
_entity_poly.pdbx_strand_id
1 'polypeptide(L)'
;GSHMFTKHICAICGDRSSGKHYGVYSCEGCKGFFKRTVRKDLTYTCRDNKDCLIDKRQRNRCQYCRYQKCLAMGMKREAV
QEERQRG
;
A,B,E,F
2 'polydeoxyribonucleotide' (DC)(DT)(DA)(DG)(DG)(DT)(DC)(DA)(DA)(DA)(DG)(DG)(DT)(DC)(DA)(DG) C,G
3 'polydeoxyribonucleotide' (DC)(DT)(DG)(DA)(DC)(DC)(DT)(DT)(DT)(DG)(DA)(DC)(DC)(DT)(DA)(DG) D,H
#
loop_
_chem_comp.id
_chem_comp.type
_chem_comp.name
_chem_comp.formula
CL non-polymer 'CHLORIDE ION' 'Cl -1'
DA DNA linking 2'-DEOXYADENOSINE-5'-MONOPHOSPHATE 'C10 H14 N5 O6 P'
DC DNA linking 2'-DEOXYCYTIDINE-5'-MONOPHOSPHATE 'C9 H14 N3 O7 P'
DG DNA linking 2'-DEOXYGUANOSINE-5'-MONOPHOSPHATE 'C10 H14 N5 O7 P'
DT DNA linking THYMIDINE-5'-MONOPHOSPHATE 'C10 H15 N2 O8 P'
ZN non-polymer 'ZINC ION' 'Zn 2'
#
# COMPACT_ATOMS: atom_id res chain seq x y z
N GLY A 1 19.59 24.45 -40.95
CA GLY A 1 18.20 24.03 -40.82
C GLY A 1 18.06 22.55 -40.55
N SER A 2 16.81 22.05 -40.60
CA SER A 2 16.47 20.64 -40.35
C SER A 2 16.69 19.70 -41.56
N HIS A 3 16.02 18.53 -41.57
CA HIS A 3 16.06 17.55 -42.65
C HIS A 3 14.65 17.24 -43.19
N MET A 4 14.55 16.85 -44.49
CA MET A 4 13.31 16.57 -45.22
C MET A 4 12.45 15.47 -44.59
N PHE A 5 13.09 14.40 -44.09
CA PHE A 5 12.42 13.22 -43.53
C PHE A 5 11.84 13.34 -42.10
N THR A 6 11.52 14.60 -41.72
CA THR A 6 10.84 15.05 -40.49
C THR A 6 9.34 14.99 -40.78
N LYS A 7 8.96 14.72 -42.05
CA LYS A 7 7.58 14.50 -42.48
C LYS A 7 7.06 13.23 -41.76
N HIS A 8 7.98 12.28 -41.46
CA HIS A 8 7.66 11.02 -40.80
C HIS A 8 7.53 11.08 -39.29
N ILE A 9 8.03 12.15 -38.63
CA ILE A 9 8.02 12.32 -37.18
C ILE A 9 6.93 13.31 -36.72
N CYS A 10 6.22 12.98 -35.61
CA CYS A 10 5.20 13.86 -35.02
C CYS A 10 5.85 15.11 -34.44
N ALA A 11 5.53 16.29 -35.01
CA ALA A 11 6.14 17.54 -34.61
C ALA A 11 5.87 17.86 -33.11
N ILE A 12 4.84 17.20 -32.52
CA ILE A 12 4.45 17.40 -31.15
C ILE A 12 5.16 16.44 -30.19
N CYS A 13 5.12 15.12 -30.45
CA CYS A 13 5.68 14.16 -29.51
C CYS A 13 6.89 13.35 -29.96
N GLY A 14 7.17 13.33 -31.26
CA GLY A 14 8.32 12.57 -31.75
C GLY A 14 7.97 11.15 -32.15
N ASP A 15 6.72 10.74 -31.94
CA ASP A 15 6.23 9.42 -32.36
C ASP A 15 6.14 9.43 -33.89
N ARG A 16 5.95 8.25 -34.50
CA ARG A 16 5.79 8.09 -35.94
C ARG A 16 4.53 8.80 -36.38
N SER A 17 4.67 9.75 -37.26
CA SER A 17 3.49 10.48 -37.72
C SER A 17 2.71 9.63 -38.74
N SER A 18 1.43 9.94 -38.92
CA SER A 18 0.57 9.25 -39.88
C SER A 18 0.16 10.17 -41.04
N GLY A 19 0.83 11.35 -41.15
CA GLY A 19 0.64 12.35 -42.19
C GLY A 19 0.38 13.73 -41.60
N LYS A 20 -0.09 14.70 -42.41
CA LYS A 20 -0.38 16.08 -41.97
C LYS A 20 -1.81 16.17 -41.44
N HIS A 21 -1.98 16.50 -40.15
CA HIS A 21 -3.29 16.65 -39.57
C HIS A 21 -3.41 18.04 -39.02
N TYR A 22 -4.43 18.81 -39.48
CA TYR A 22 -4.66 20.20 -39.07
C TYR A 22 -3.46 21.10 -39.39
N GLY A 23 -2.80 20.81 -40.52
CA GLY A 23 -1.62 21.53 -41.02
C GLY A 23 -0.27 21.17 -40.41
N VAL A 24 -0.21 20.09 -39.59
CA VAL A 24 1.01 19.65 -38.88
C VAL A 24 1.21 18.15 -38.99
N TYR A 25 2.46 17.70 -39.24
CA TYR A 25 2.81 16.28 -39.28
C TYR A 25 2.67 15.75 -37.84
N SER A 26 1.73 14.81 -37.66
CA SER A 26 1.42 14.30 -36.35
C SER A 26 1.03 12.87 -36.36
N CYS A 27 1.16 12.23 -35.19
CA CYS A 27 0.76 10.87 -34.94
C CYS A 27 -0.75 10.85 -34.75
N GLU A 28 -1.34 9.66 -34.83
CA GLU A 28 -2.78 9.42 -34.62
C GLU A 28 -3.28 9.90 -33.22
N GLY A 29 -2.37 9.88 -32.24
CA GLY A 29 -2.59 10.31 -30.86
C GLY A 29 -2.77 11.81 -30.75
N CYS A 30 -1.82 12.59 -31.28
CA CYS A 30 -1.87 14.05 -31.22
C CYS A 30 -2.96 14.64 -32.12
N LYS A 31 -3.33 13.94 -33.22
CA LYS A 31 -4.43 14.31 -34.11
C LYS A 31 -5.76 14.19 -33.32
N GLY A 32 -5.99 13.00 -32.77
CA GLY A 32 -7.17 12.65 -31.99
C GLY A 32 -7.32 13.55 -30.78
N PHE A 33 -6.18 13.86 -30.10
CA PHE A 33 -6.14 14.76 -28.96
C PHE A 33 -6.65 16.16 -29.39
N PHE A 34 -6.09 16.69 -30.50
CA PHE A 34 -6.49 17.99 -31.01
C PHE A 34 -7.97 18.02 -31.41
N LYS A 35 -8.42 17.05 -32.24
CA LYS A 35 -9.80 16.84 -32.71
C LYS A 35 -10.80 16.91 -31.56
N ARG A 36 -10.43 16.29 -30.40
CA ARG A 36 -11.21 16.20 -29.16
C ARG A 36 -11.26 17.47 -28.33
N THR A 37 -10.09 18.14 -28.15
CA THR A 37 -9.96 19.35 -27.32
C THR A 37 -10.77 20.44 -27.92
N VAL A 38 -10.28 20.92 -29.06
CA VAL A 38 -10.86 21.97 -29.85
C VAL A 38 -12.41 21.91 -29.77
N ARG A 39 -12.99 20.74 -30.14
CA ARG A 39 -14.43 20.45 -30.16
C ARG A 39 -15.09 20.71 -28.83
N LYS A 40 -14.49 20.19 -27.76
CA LYS A 40 -15.02 20.31 -26.39
C LYS A 40 -14.64 21.62 -25.68
N ASP A 41 -13.80 22.51 -26.33
CA ASP A 41 -13.29 23.78 -25.77
C ASP A 41 -12.56 23.46 -24.41
N LEU A 42 -12.06 22.20 -24.28
CA LEU A 42 -11.41 21.64 -23.10
C LEU A 42 -10.29 22.48 -22.48
N THR A 43 -10.63 23.03 -21.31
CA THR A 43 -9.81 23.88 -20.45
C THR A 43 -9.12 22.96 -19.41
N TYR A 44 -7.83 22.71 -19.68
CA TYR A 44 -6.91 21.91 -18.87
C TYR A 44 -6.09 22.87 -18.00
N THR A 45 -5.22 22.31 -17.17
CA THR A 45 -4.32 23.07 -16.31
C THR A 45 -3.01 22.33 -16.08
N CYS A 46 -1.91 23.08 -16.02
CA CYS A 46 -0.60 22.47 -15.79
C CYS A 46 -0.37 22.35 -14.29
N ARG A 47 -0.08 21.13 -13.81
CA ARG A 47 0.18 20.92 -12.39
C ARG A 47 1.63 21.29 -12.04
N ASP A 48 2.43 21.67 -13.05
CA ASP A 48 3.82 22.04 -12.85
C ASP A 48 4.16 23.51 -13.20
N ASN A 49 5.03 23.74 -14.20
CA ASN A 49 5.60 25.03 -14.57
C ASN A 49 5.41 25.42 -16.05
N LYS A 50 4.31 24.95 -16.68
CA LYS A 50 3.96 25.15 -18.09
C LYS A 50 5.09 24.86 -19.12
N ASP A 51 6.00 23.96 -18.75
CA ASP A 51 7.17 23.57 -19.55
C ASP A 51 7.39 22.05 -19.48
N CYS A 52 6.30 21.27 -19.39
CA CYS A 52 6.34 19.81 -19.34
C CYS A 52 6.85 19.28 -20.67
N LEU A 53 7.69 18.24 -20.61
CA LEU A 53 8.24 17.62 -21.81
C LEU A 53 7.23 16.68 -22.47
N ILE A 54 6.91 16.96 -23.72
CA ILE A 54 6.00 16.16 -24.53
C ILE A 54 6.86 15.28 -25.46
N ASP A 55 6.86 13.97 -25.16
CA ASP A 55 7.54 12.92 -25.91
C ASP A 55 6.59 11.73 -25.95
N LYS A 56 6.90 10.68 -26.73
CA LYS A 56 6.06 9.49 -26.91
C LYS A 56 5.57 8.89 -25.57
N ARG A 57 6.50 8.71 -24.61
CA ARG A 57 6.25 8.13 -23.29
C ARG A 57 5.46 9.03 -22.33
N GLN A 58 5.71 10.35 -22.37
CA GLN A 58 5.12 11.31 -21.44
C GLN A 58 4.09 12.28 -22.01
N ARG A 59 3.60 12.06 -23.25
CA ARG A 59 2.59 12.95 -23.86
C ARG A 59 1.29 13.10 -23.05
N ASN A 60 0.86 12.03 -22.38
CA ASN A 60 -0.36 12.02 -21.57
C ASN A 60 -0.23 12.59 -20.15
N ARG A 61 1.00 12.93 -19.73
CA ARG A 61 1.29 13.47 -18.39
C ARG A 61 0.66 14.83 -18.14
N CYS A 62 0.69 15.72 -19.14
CA CYS A 62 0.11 17.05 -19.03
C CYS A 62 -0.66 17.46 -20.29
N GLN A 63 -2.00 17.47 -20.17
CA GLN A 63 -2.96 17.84 -21.20
C GLN A 63 -2.75 19.29 -21.62
N TYR A 64 -2.47 20.17 -20.63
CA TYR A 64 -2.25 21.59 -20.89
C TYR A 64 -1.06 21.80 -21.83
N CYS A 65 0.10 21.20 -21.48
CA CYS A 65 1.34 21.33 -22.23
C CYS A 65 1.29 20.67 -23.57
N ARG A 66 0.51 19.59 -23.69
CA ARG A 66 0.35 18.88 -24.95
C ARG A 66 -0.47 19.75 -25.91
N TYR A 67 -1.55 20.38 -25.41
CA TYR A 67 -2.37 21.27 -26.21
C TYR A 67 -1.62 22.54 -26.66
N GLN A 68 -0.80 23.13 -25.75
CA GLN A 68 0.01 24.31 -26.09
C GLN A 68 1.07 23.99 -27.14
N LYS A 69 1.60 22.75 -27.15
CA LYS A 69 2.58 22.32 -28.15
C LYS A 69 1.89 22.14 -29.50
N CYS A 70 0.66 21.54 -29.54
CA CYS A 70 -0.14 21.40 -30.77
C CYS A 70 -0.29 22.78 -31.43
N LEU A 71 -0.68 23.80 -30.64
CA LEU A 71 -0.87 25.17 -31.09
C LEU A 71 0.43 25.83 -31.57
N ALA A 72 1.53 25.70 -30.76
CA ALA A 72 2.84 26.26 -31.11
C ALA A 72 3.42 25.61 -32.39
N MET A 73 3.12 24.32 -32.61
CA MET A 73 3.56 23.62 -33.83
C MET A 73 2.77 24.03 -35.07
N GLY A 74 1.62 24.69 -34.89
CA GLY A 74 0.79 25.19 -35.98
C GLY A 74 -0.56 24.54 -36.20
N MET A 75 -1.01 23.69 -35.27
CA MET A 75 -2.31 23.02 -35.46
C MET A 75 -3.48 24.03 -35.46
N LYS A 76 -4.38 23.92 -36.44
CA LYS A 76 -5.56 24.77 -36.61
C LYS A 76 -6.65 24.01 -37.37
N ARG A 77 -7.90 24.37 -37.16
CA ARG A 77 -9.02 23.75 -37.87
C ARG A 77 -9.44 24.68 -39.02
N GLU A 78 -9.85 24.11 -40.18
CA GLU A 78 -10.31 24.87 -41.37
C GLU A 78 -11.68 24.39 -41.83
N ALA A 79 -12.61 25.33 -42.11
CA ALA A 79 -13.98 25.11 -42.63
C ALA A 79 -14.69 26.44 -42.80
N LYS B 7 -19.81 -12.73 -21.43
CA LYS B 7 -19.30 -13.20 -22.71
C LYS B 7 -17.92 -13.89 -22.61
N HIS B 8 -16.92 -13.22 -21.96
CA HIS B 8 -15.58 -13.77 -21.75
C HIS B 8 -15.31 -14.02 -20.24
N ILE B 9 -14.30 -14.86 -19.90
CA ILE B 9 -13.91 -15.25 -18.53
C ILE B 9 -12.43 -14.83 -18.25
N CYS B 10 -12.13 -14.44 -17.02
CA CYS B 10 -10.76 -14.06 -16.67
C CYS B 10 -9.86 -15.33 -16.71
N ALA B 11 -8.75 -15.25 -17.44
CA ALA B 11 -7.77 -16.35 -17.57
C ALA B 11 -6.98 -16.56 -16.29
N ILE B 12 -6.97 -15.58 -15.39
CA ILE B 12 -6.28 -15.65 -14.09
C ILE B 12 -7.16 -16.24 -12.96
N CYS B 13 -8.36 -15.69 -12.70
CA CYS B 13 -9.20 -16.17 -11.59
C CYS B 13 -10.52 -16.85 -11.94
N GLY B 14 -11.02 -16.65 -13.15
CA GLY B 14 -12.28 -17.24 -13.57
C GLY B 14 -13.52 -16.37 -13.35
N ASP B 15 -13.33 -15.14 -12.88
CA ASP B 15 -14.43 -14.18 -12.72
C ASP B 15 -14.79 -13.63 -14.14
N ARG B 16 -15.92 -12.89 -14.26
CA ARG B 16 -16.37 -12.27 -15.52
C ARG B 16 -15.26 -11.33 -16.05
N SER B 17 -14.93 -11.45 -17.34
CA SER B 17 -13.92 -10.62 -17.97
C SER B 17 -14.59 -9.45 -18.65
N SER B 18 -14.07 -8.25 -18.44
CA SER B 18 -14.59 -7.04 -19.09
C SER B 18 -14.16 -6.99 -20.58
N GLY B 19 -12.95 -7.50 -20.80
CA GLY B 19 -12.22 -7.59 -22.05
C GLY B 19 -10.78 -7.99 -21.83
N LYS B 20 -9.97 -7.76 -22.83
CA LYS B 20 -8.56 -8.06 -22.69
C LYS B 20 -7.92 -6.88 -21.98
N HIS B 21 -6.96 -7.15 -21.09
CA HIS B 21 -6.18 -6.16 -20.36
C HIS B 21 -4.76 -6.69 -20.33
N TYR B 22 -3.82 -5.89 -20.87
CA TYR B 22 -2.39 -6.23 -20.98
C TYR B 22 -2.15 -7.51 -21.76
N GLY B 23 -2.99 -7.71 -22.76
CA GLY B 23 -2.94 -8.84 -23.69
C GLY B 23 -3.64 -10.11 -23.26
N VAL B 24 -4.38 -10.08 -22.15
CA VAL B 24 -5.07 -11.26 -21.57
C VAL B 24 -6.51 -10.91 -21.17
N TYR B 25 -7.47 -11.80 -21.46
CA TYR B 25 -8.84 -11.66 -20.97
C TYR B 25 -8.80 -11.76 -19.45
N SER B 26 -9.23 -10.72 -18.80
CA SER B 26 -9.21 -10.64 -17.35
C SER B 26 -10.30 -9.77 -16.77
N CYS B 27 -10.48 -9.89 -15.45
CA CYS B 27 -11.46 -9.15 -14.70
C CYS B 27 -10.90 -7.78 -14.33
N GLU B 28 -11.78 -6.89 -13.83
CA GLU B 28 -11.39 -5.56 -13.38
C GLU B 28 -10.40 -5.67 -12.21
N GLY B 29 -10.54 -6.75 -11.44
CA GLY B 29 -9.65 -7.08 -10.34
C GLY B 29 -8.25 -7.40 -10.80
N CYS B 30 -8.09 -8.41 -11.64
CA CYS B 30 -6.77 -8.82 -12.10
C CYS B 30 -6.03 -7.75 -12.92
N LYS B 31 -6.80 -6.90 -13.60
CA LYS B 31 -6.31 -5.77 -14.38
C LYS B 31 -5.67 -4.74 -13.42
N GLY B 32 -6.42 -4.34 -12.41
CA GLY B 32 -6.00 -3.36 -11.43
C GLY B 32 -4.80 -3.82 -10.64
N PHE B 33 -4.78 -5.11 -10.27
CA PHE B 33 -3.74 -5.75 -9.49
C PHE B 33 -2.42 -5.71 -10.24
N PHE B 34 -2.45 -6.16 -11.50
CA PHE B 34 -1.27 -6.18 -12.34
C PHE B 34 -0.73 -4.79 -12.53
N LYS B 35 -1.59 -3.81 -12.83
CA LYS B 35 -1.19 -2.40 -13.04
C LYS B 35 -0.43 -1.88 -11.81
N ARG B 36 -1.01 -2.03 -10.62
CA ARG B 36 -0.42 -1.55 -9.35
C ARG B 36 0.88 -2.25 -9.02
N THR B 37 1.00 -3.57 -9.34
CA THR B 37 2.22 -4.34 -9.11
C THR B 37 3.37 -3.79 -9.96
N VAL B 38 3.11 -3.57 -11.23
CA VAL B 38 4.06 -3.03 -12.20
C VAL B 38 4.48 -1.59 -11.87
N ARG B 39 3.48 -0.68 -11.68
CA ARG B 39 3.66 0.74 -11.38
C ARG B 39 4.46 0.95 -10.09
N LYS B 40 4.15 0.22 -9.03
CA LYS B 40 4.85 0.35 -7.77
C LYS B 40 6.13 -0.53 -7.69
N ASP B 41 6.31 -1.46 -8.67
CA ASP B 41 7.44 -2.41 -8.76
C ASP B 41 7.49 -3.24 -7.44
N LEU B 42 6.32 -3.78 -7.08
CA LEU B 42 6.16 -4.56 -5.86
C LEU B 42 6.63 -5.96 -6.03
N THR B 43 7.31 -6.44 -4.97
CA THR B 43 7.79 -7.80 -4.85
C THR B 43 6.95 -8.45 -3.77
N TYR B 44 6.42 -9.61 -4.06
CA TYR B 44 5.59 -10.36 -3.13
C TYR B 44 6.30 -11.63 -2.69
N THR B 45 5.79 -12.23 -1.60
CA THR B 45 6.33 -13.47 -1.05
C THR B 45 5.18 -14.45 -0.78
N CYS B 46 5.37 -15.73 -1.13
CA CYS B 46 4.34 -16.73 -0.84
C CYS B 46 4.56 -17.23 0.57
N ARG B 47 3.51 -17.19 1.43
CA ARG B 47 3.63 -17.70 2.82
C ARG B 47 3.62 -19.24 2.86
N ASP B 48 3.30 -19.90 1.72
CA ASP B 48 3.23 -21.35 1.58
C ASP B 48 4.30 -21.93 0.62
N ASN B 49 3.94 -22.90 -0.26
CA ASN B 49 4.93 -23.46 -1.17
C ASN B 49 4.74 -23.14 -2.65
N LYS B 50 4.34 -21.89 -2.96
CA LYS B 50 4.18 -21.32 -4.31
C LYS B 50 3.18 -22.08 -5.19
N ASP B 51 2.12 -22.64 -4.56
CA ASP B 51 1.08 -23.38 -5.29
C ASP B 51 -0.33 -23.00 -4.83
N CYS B 52 -0.53 -21.72 -4.45
CA CYS B 52 -1.82 -21.23 -4.01
C CYS B 52 -2.80 -21.19 -5.18
N LEU B 53 -4.04 -21.62 -4.97
CA LEU B 53 -5.05 -21.61 -6.01
C LEU B 53 -5.68 -20.25 -6.18
N ILE B 54 -5.63 -19.72 -7.41
CA ILE B 54 -6.20 -18.43 -7.74
C ILE B 54 -7.56 -18.66 -8.44
N ASP B 55 -8.63 -18.32 -7.74
CA ASP B 55 -10.01 -18.38 -8.20
C ASP B 55 -10.72 -17.11 -7.65
N LYS B 56 -11.98 -16.83 -8.07
CA LYS B 56 -12.73 -15.62 -7.67
C LYS B 56 -12.78 -15.37 -6.16
N ARG B 57 -13.00 -16.44 -5.39
CA ARG B 57 -13.11 -16.41 -3.93
C ARG B 57 -11.75 -16.24 -3.23
N GLN B 58 -10.69 -16.86 -3.78
CA GLN B 58 -9.37 -16.89 -3.14
C GLN B 58 -8.24 -16.13 -3.81
N ARG B 59 -8.55 -15.26 -4.81
CA ARG B 59 -7.52 -14.48 -5.52
C ARG B 59 -6.65 -13.57 -4.63
N ASN B 60 -7.23 -13.02 -3.58
CA ASN B 60 -6.53 -12.15 -2.64
C ASN B 60 -5.74 -12.86 -1.51
N ARG B 61 -5.80 -14.22 -1.47
CA ARG B 61 -5.08 -15.01 -0.47
C ARG B 61 -3.56 -14.94 -0.63
N CYS B 62 -3.06 -14.86 -1.87
CA CYS B 62 -1.62 -14.82 -2.13
C CYS B 62 -1.29 -13.95 -3.33
N GLN B 63 -0.72 -12.77 -3.06
CA GLN B 63 -0.28 -11.80 -4.02
C GLN B 63 0.84 -12.34 -4.91
N TYR B 64 1.75 -13.13 -4.33
CA TYR B 64 2.83 -13.75 -5.08
C TYR B 64 2.32 -14.66 -6.18
N CYS B 65 1.44 -15.59 -5.82
CA CYS B 65 0.86 -16.58 -6.72
C CYS B 65 -0.09 -15.96 -7.73
N ARG B 66 -0.77 -14.86 -7.37
CA ARG B 66 -1.68 -14.15 -8.28
C ARG B 66 -0.85 -13.45 -9.35
N TYR B 67 0.27 -12.83 -8.98
CA TYR B 67 1.17 -12.15 -9.91
C TYR B 67 1.85 -13.12 -10.85
N GLN B 68 2.30 -14.31 -10.34
CA GLN B 68 2.92 -15.33 -11.18
C GLN B 68 1.95 -15.92 -12.19
N LYS B 69 0.66 -16.03 -11.81
CA LYS B 69 -0.38 -16.49 -12.74
C LYS B 69 -0.63 -15.44 -13.83
N CYS B 70 -0.68 -14.12 -13.49
CA CYS B 70 -0.82 -13.01 -14.47
C CYS B 70 0.26 -13.13 -15.52
N LEU B 71 1.52 -13.29 -15.10
CA LEU B 71 2.68 -13.46 -15.98
C LEU B 71 2.62 -14.72 -16.85
N ALA B 72 2.32 -15.88 -16.20
CA ALA B 72 2.21 -17.16 -16.92
C ALA B 72 1.07 -17.14 -17.95
N MET B 73 -0.04 -16.43 -17.66
CA MET B 73 -1.16 -16.30 -18.60
C MET B 73 -0.86 -15.35 -19.78
N GLY B 74 0.20 -14.58 -19.68
CA GLY B 74 0.65 -13.71 -20.77
C GLY B 74 0.54 -12.22 -20.54
N MET B 75 0.26 -11.76 -19.29
CA MET B 75 0.14 -10.32 -19.02
C MET B 75 1.44 -9.61 -19.25
N LYS B 76 1.34 -8.53 -20.01
CA LYS B 76 2.48 -7.79 -20.51
C LYS B 76 2.80 -6.62 -19.68
N ARG B 77 3.93 -6.70 -18.95
CA ARG B 77 4.41 -5.65 -18.09
C ARG B 77 4.57 -4.36 -18.91
N GLU B 78 5.08 -4.50 -20.14
CA GLU B 78 5.33 -3.45 -21.12
C GLU B 78 4.08 -2.67 -21.53
N ALA B 79 2.87 -3.27 -21.42
CA ALA B 79 1.59 -2.65 -21.77
C ALA B 79 1.07 -1.69 -20.66
N VAL B 80 1.68 -1.72 -19.46
CA VAL B 80 1.35 -0.81 -18.38
C VAL B 80 2.06 0.49 -18.74
N GLN B 81 1.30 1.58 -18.90
CA GLN B 81 1.83 2.89 -19.29
C GLN B 81 2.26 3.72 -18.10
N GLU B 82 2.78 4.94 -18.38
CA GLU B 82 3.17 5.91 -17.36
C GLU B 82 1.93 6.46 -16.65
N GLU B 83 2.04 6.85 -15.35
CA GLU B 83 0.96 7.49 -14.57
C GLU B 83 0.56 8.84 -15.23
N ARG B 84 -0.74 9.20 -15.19
CA ARG B 84 -1.23 10.50 -15.73
C ARG B 84 -1.74 11.42 -14.62
N GLN B 85 -1.90 12.75 -14.93
CA GLN B 85 -2.35 13.79 -13.97
C GLN B 85 -3.80 13.56 -13.51
N THR E 6 12.69 -10.20 45.73
CA THR E 6 11.58 -10.68 44.88
C THR E 6 10.31 -9.81 45.04
N LYS E 7 10.22 -9.02 46.14
CA LYS E 7 9.10 -8.10 46.42
C LYS E 7 8.89 -7.12 45.26
N HIS E 8 9.99 -6.83 44.53
CA HIS E 8 10.09 -5.92 43.37
C HIS E 8 9.86 -6.61 41.98
N ILE E 9 9.94 -7.98 41.87
CA ILE E 9 9.85 -8.74 40.61
C ILE E 9 8.59 -9.61 40.46
N CYS E 10 7.87 -9.45 39.34
CA CYS E 10 6.69 -10.22 38.97
C CYS E 10 7.09 -11.71 38.82
N ALA E 11 6.40 -12.61 39.54
CA ALA E 11 6.64 -14.06 39.53
C ALA E 11 6.20 -14.75 38.23
N ILE E 12 5.35 -14.08 37.44
CA ILE E 12 4.84 -14.62 36.19
C ILE E 12 5.71 -14.26 34.99
N CYS E 13 5.94 -12.96 34.76
CA CYS E 13 6.72 -12.51 33.60
C CYS E 13 8.09 -11.92 33.95
N GLY E 14 8.28 -11.55 35.20
CA GLY E 14 9.56 -11.00 35.64
C GLY E 14 9.72 -9.51 35.49
N ASP E 15 8.64 -8.81 35.12
CA ASP E 15 8.64 -7.35 35.01
C ASP E 15 8.69 -6.75 36.48
N ARG E 16 8.83 -5.42 36.61
CA ARG E 16 8.82 -4.72 37.88
C ARG E 16 7.42 -4.95 38.51
N SER E 17 7.40 -5.56 39.69
CA SER E 17 6.18 -5.89 40.43
C SER E 17 5.67 -4.67 41.18
N SER E 18 4.34 -4.45 41.14
CA SER E 18 3.67 -3.34 41.81
C SER E 18 3.08 -3.73 43.19
N GLY E 19 3.48 -4.91 43.69
CA GLY E 19 3.05 -5.49 44.97
C GLY E 19 2.45 -6.88 44.81
N LYS E 20 1.78 -7.39 45.85
CA LYS E 20 1.14 -8.71 45.85
C LYS E 20 -0.28 -8.59 45.30
N HIS E 21 -0.57 -9.27 44.18
CA HIS E 21 -1.90 -9.25 43.59
C HIS E 21 -2.39 -10.66 43.54
N TYR E 22 -3.53 -10.93 44.20
CA TYR E 22 -4.18 -12.25 44.25
C TYR E 22 -3.26 -13.29 44.87
N GLY E 23 -2.47 -12.86 45.86
CA GLY E 23 -1.54 -13.68 46.62
C GLY E 23 -0.17 -13.90 46.01
N VAL E 24 0.16 -13.20 44.90
CA VAL E 24 1.43 -13.36 44.18
C VAL E 24 2.02 -11.99 43.82
N TYR E 25 3.35 -11.83 43.99
CA TYR E 25 4.05 -10.61 43.56
C TYR E 25 3.97 -10.58 42.03
N SER E 26 3.29 -9.57 41.49
CA SER E 26 3.10 -9.44 40.06
C SER E 26 3.09 -8.02 39.58
N CYS E 27 3.29 -7.80 38.28
CA CYS E 27 3.26 -6.49 37.63
C CYS E 27 1.78 -6.09 37.36
N GLU E 28 1.56 -4.83 36.98
CA GLU E 28 0.23 -4.32 36.68
C GLU E 28 -0.42 -5.06 35.50
N GLY E 29 0.42 -5.59 34.60
CA GLY E 29 0.02 -6.36 33.44
C GLY E 29 -0.57 -7.71 33.79
N CYS E 30 0.16 -8.52 34.60
CA CYS E 30 -0.31 -9.85 34.99
C CYS E 30 -1.51 -9.80 35.96
N LYS E 31 -1.59 -8.74 36.77
CA LYS E 31 -2.70 -8.46 37.68
C LYS E 31 -4.00 -8.23 36.84
N GLY E 32 -3.92 -7.31 35.88
CA GLY E 32 -5.02 -6.95 34.99
C GLY E 32 -5.51 -8.11 34.16
N PHE E 33 -4.56 -8.90 33.64
CA PHE E 33 -4.86 -10.07 32.82
C PHE E 33 -5.62 -11.12 33.64
N PHE E 34 -5.14 -11.44 34.84
CA PHE E 34 -5.78 -12.39 35.74
C PHE E 34 -7.19 -11.91 36.09
N LYS E 35 -7.33 -10.61 36.41
CA LYS E 35 -8.56 -9.97 36.82
C LYS E 35 -9.62 -10.15 35.73
N ARG E 36 -9.31 -9.77 34.45
CA ARG E 36 -10.17 -9.90 33.27
C ARG E 36 -10.55 -11.36 32.96
N THR E 37 -9.58 -12.31 33.07
CA THR E 37 -9.81 -13.73 32.76
C THR E 37 -10.88 -14.32 33.67
N VAL E 38 -10.73 -14.13 34.98
CA VAL E 38 -11.66 -14.58 36.00
C VAL E 38 -13.03 -13.88 35.87
N ARG E 39 -13.05 -12.53 35.86
CA ARG E 39 -14.25 -11.70 35.77
C ARG E 39 -15.10 -12.00 34.56
N LYS E 40 -14.45 -12.09 33.39
CA LYS E 40 -15.13 -12.35 32.14
C LYS E 40 -15.30 -13.85 31.84
N ASP E 41 -14.74 -14.72 32.72
CA ASP E 41 -14.82 -16.19 32.62
C ASP E 41 -14.30 -16.68 31.25
N LEU E 42 -13.19 -16.09 30.79
CA LEU E 42 -12.58 -16.42 29.49
C LEU E 42 -11.84 -17.73 29.51
N THR E 43 -11.91 -18.49 28.39
CA THR E 43 -11.21 -19.77 28.18
C THR E 43 -10.21 -19.55 27.04
N TYR E 44 -8.95 -19.96 27.22
CA TYR E 44 -7.93 -19.78 26.20
C TYR E 44 -7.46 -21.10 25.60
N THR E 45 -6.77 -21.03 24.44
CA THR E 45 -6.22 -22.19 23.73
C THR E 45 -4.77 -21.92 23.35
N CYS E 46 -3.88 -22.89 23.58
CA CYS E 46 -2.48 -22.75 23.19
C CYS E 46 -2.33 -23.23 21.76
N ARG E 47 -1.76 -22.39 20.88
CA ARG E 47 -1.56 -22.79 19.47
C ARG E 47 -0.35 -23.74 19.33
N ASP E 48 0.43 -23.91 20.41
CA ASP E 48 1.62 -24.76 20.45
C ASP E 48 1.48 -25.95 21.41
N ASN E 49 2.54 -26.24 22.20
CA ASN E 49 2.58 -27.41 23.08
C ASN E 49 2.44 -27.11 24.59
N LYS E 50 1.66 -26.07 24.93
CA LYS E 50 1.38 -25.65 26.31
C LYS E 50 2.63 -25.39 27.17
N ASP E 51 3.73 -24.94 26.52
CA ASP E 51 5.00 -24.64 27.18
C ASP E 51 5.63 -23.36 26.63
N CYS E 52 4.78 -22.36 26.28
CA CYS E 52 5.23 -21.07 25.76
C CYS E 52 5.94 -20.29 26.85
N LEU E 53 7.03 -19.59 26.47
CA LEU E 53 7.79 -18.83 27.45
C LEU E 53 7.14 -17.49 27.78
N ILE E 54 6.85 -17.28 29.08
CA ILE E 54 6.25 -16.05 29.59
C ILE E 54 7.37 -15.20 30.23
N ASP E 55 7.71 -14.10 29.56
CA ASP E 55 8.69 -13.12 30.00
C ASP E 55 8.11 -11.73 29.65
N LYS E 56 8.72 -10.62 30.14
CA LYS E 56 8.27 -9.24 29.89
C LYS E 56 7.92 -8.97 28.41
N ARG E 57 8.82 -9.34 27.48
CA ARG E 57 8.69 -9.12 26.04
C ARG E 57 7.64 -10.02 25.36
N GLN E 58 7.50 -11.28 25.80
CA GLN E 58 6.64 -12.27 25.16
C GLN E 58 5.40 -12.71 25.94
N ARG E 59 5.04 -12.02 27.05
CA ARG E 59 3.87 -12.39 27.86
C ARG E 59 2.54 -12.44 27.10
N ASN E 60 2.37 -11.57 26.09
CA ASN E 60 1.15 -11.50 25.27
C ASN E 60 1.09 -12.47 24.09
N ARG E 61 2.16 -13.28 23.90
CA ARG E 61 2.24 -14.28 22.82
C ARG E 61 1.24 -15.42 22.96
N CYS E 62 0.96 -15.85 24.21
CA CYS E 62 0.01 -16.93 24.47
C CYS E 62 -0.74 -16.71 25.78
N GLN E 63 -2.04 -16.37 25.66
CA GLN E 63 -2.98 -16.14 26.75
C GLN E 63 -3.19 -17.41 27.56
N TYR E 64 -3.21 -18.59 26.92
CA TYR E 64 -3.37 -19.85 27.63
C TYR E 64 -2.21 -20.11 28.60
N CYS E 65 -0.98 -20.01 28.11
CA CYS E 65 0.23 -20.23 28.88
C CYS E 65 0.47 -19.18 29.94
N ARG E 66 0.03 -17.93 29.69
CA ARG E 66 0.14 -16.84 30.66
C ARG E 66 -0.80 -17.11 31.82
N TYR E 67 -2.03 -17.56 31.53
CA TYR E 67 -3.00 -17.88 32.56
C TYR E 67 -2.59 -19.09 33.41
N GLN E 68 -2.02 -20.13 32.76
CA GLN E 68 -1.54 -21.32 33.48
C GLN E 68 -0.37 -20.99 34.41
N LYS E 69 0.49 -20.02 34.01
CA LYS E 69 1.60 -19.57 34.86
C LYS E 69 1.07 -18.78 36.06
N CYS E 70 0.04 -17.90 35.87
CA CYS E 70 -0.61 -17.16 36.97
C CYS E 70 -1.07 -18.16 38.03
N LEU E 71 -1.78 -19.23 37.61
CA LEU E 71 -2.28 -20.30 38.48
C LEU E 71 -1.17 -21.09 39.16
N ALA E 72 -0.16 -21.52 38.39
CA ALA E 72 0.97 -22.28 38.91
C ALA E 72 1.81 -21.46 39.90
N MET E 73 1.87 -20.13 39.73
CA MET E 73 2.59 -19.26 40.66
C MET E 73 1.82 -19.01 41.96
N GLY E 74 0.53 -19.34 41.96
CA GLY E 74 -0.33 -19.24 43.13
C GLY E 74 -1.45 -18.22 43.11
N MET E 75 -1.72 -17.59 41.96
CA MET E 75 -2.79 -16.59 41.87
C MET E 75 -4.15 -17.19 42.18
N LYS E 76 -4.88 -16.57 43.09
CA LYS E 76 -6.13 -17.15 43.54
C LYS E 76 -7.33 -16.55 42.87
N ARG E 77 -8.14 -17.39 42.19
CA ARG E 77 -9.41 -17.02 41.53
C ARG E 77 -10.36 -16.41 42.55
N GLU E 78 -10.30 -16.92 43.80
CA GLU E 78 -11.11 -16.52 44.97
C GLU E 78 -10.88 -15.07 45.38
N ALA E 79 -9.68 -14.51 45.10
CA ALA E 79 -9.31 -13.14 45.47
C ALA E 79 -9.86 -12.08 44.51
N VAL E 80 -10.33 -12.51 43.31
CA VAL E 80 -10.96 -11.60 42.35
C VAL E 80 -12.40 -11.43 42.85
N GLN E 81 -12.79 -10.19 43.21
CA GLN E 81 -14.12 -9.87 43.78
C GLN E 81 -15.16 -9.62 42.65
N GLU E 82 -16.41 -9.28 43.00
CA GLU E 82 -17.46 -9.00 42.00
C GLU E 82 -17.40 -7.54 41.53
N THR F 6 -9.14 21.90 13.53
CA THR F 6 -9.00 20.47 13.91
C THR F 6 -7.58 20.00 14.28
N LYS F 7 -7.42 19.50 15.56
CA LYS F 7 -6.19 18.93 16.15
C LYS F 7 -6.17 17.37 16.01
N HIS F 8 -7.07 16.86 15.14
CA HIS F 8 -7.31 15.45 14.84
C HIS F 8 -6.95 15.20 13.40
N ILE F 9 -5.70 15.60 13.08
CA ILE F 9 -5.09 15.45 11.78
C ILE F 9 -3.84 14.59 11.90
N CYS F 10 -3.73 13.57 11.00
CA CYS F 10 -2.58 12.67 10.86
C CYS F 10 -1.40 13.55 10.44
N ALA F 11 -0.33 13.49 11.21
CA ALA F 11 0.87 14.28 10.96
C ALA F 11 1.58 13.80 9.69
N ILE F 12 1.26 12.59 9.21
CA ILE F 12 1.88 12.03 8.02
C ILE F 12 1.11 12.41 6.74
N CYS F 13 -0.22 12.23 6.75
CA CYS F 13 -0.96 12.43 5.51
C CYS F 13 -2.10 13.45 5.50
N GLY F 14 -2.41 14.05 6.64
CA GLY F 14 -3.49 15.02 6.70
C GLY F 14 -4.89 14.43 6.75
N ASP F 15 -5.01 13.09 6.89
CA ASP F 15 -6.31 12.43 7.05
C ASP F 15 -6.74 12.59 8.52
N ARG F 16 -8.03 12.30 8.83
CA ARG F 16 -8.56 12.34 10.18
C ARG F 16 -7.81 11.33 11.05
N SER F 17 -7.12 11.83 12.09
CA SER F 17 -6.34 11.05 13.06
C SER F 17 -7.23 10.33 14.07
N SER F 18 -6.91 9.05 14.37
CA SER F 18 -7.64 8.23 15.34
C SER F 18 -6.98 8.21 16.73
N GLY F 19 -6.02 9.11 16.94
CA GLY F 19 -5.27 9.28 18.19
C GLY F 19 -3.77 9.21 17.97
N LYS F 20 -2.99 9.07 19.05
CA LYS F 20 -1.52 8.99 18.98
C LYS F 20 -1.09 7.52 18.77
N HIS F 21 -0.37 7.25 17.70
CA HIS F 21 0.11 5.91 17.43
C HIS F 21 1.61 6.02 17.27
N TYR F 22 2.37 5.28 18.11
CA TYR F 22 3.83 5.22 18.10
C TYR F 22 4.45 6.60 18.34
N GLY F 23 3.76 7.40 19.15
CA GLY F 23 4.16 8.74 19.56
C GLY F 23 3.76 9.88 18.65
N VAL F 24 2.94 9.62 17.64
CA VAL F 24 2.52 10.60 16.63
C VAL F 24 1.01 10.50 16.36
N TYR F 25 0.34 11.66 16.28
CA TYR F 25 -1.06 11.72 15.88
C TYR F 25 -1.17 11.25 14.45
N SER F 26 -1.84 10.11 14.26
CA SER F 26 -1.97 9.49 12.96
C SER F 26 -3.29 8.80 12.73
N CYS F 27 -3.62 8.60 11.43
CA CYS F 27 -4.82 7.90 10.94
C CYS F 27 -4.57 6.38 11.08
N GLU F 28 -5.64 5.60 11.02
CA GLU F 28 -5.57 4.15 11.09
C GLU F 28 -4.68 3.53 9.96
N GLY F 29 -4.60 4.20 8.82
CA GLY F 29 -3.79 3.81 7.67
C GLY F 29 -2.29 3.90 7.93
N CYS F 30 -1.82 5.05 8.42
CA CYS F 30 -0.39 5.27 8.70
C CYS F 30 0.11 4.44 9.90
N LYS F 31 -0.80 4.14 10.83
CA LYS F 31 -0.54 3.30 12.00
C LYS F 31 -0.25 1.86 11.51
N GLY F 32 -1.17 1.30 10.69
CA GLY F 32 -1.03 -0.05 10.17
C GLY F 32 0.20 -0.22 9.29
N PHE F 33 0.47 0.79 8.43
CA PHE F 33 1.61 0.80 7.51
C PHE F 33 2.94 0.73 8.28
N PHE F 34 3.13 1.62 9.28
CA PHE F 34 4.33 1.66 10.11
C PHE F 34 4.53 0.32 10.83
N LYS F 35 3.45 -0.22 11.45
CA LYS F 35 3.46 -1.49 12.13
C LYS F 35 3.98 -2.60 11.25
N ARG F 36 3.38 -2.78 10.06
CA ARG F 36 3.79 -3.84 9.12
C ARG F 36 5.22 -3.70 8.63
N THR F 37 5.67 -2.44 8.43
CA THR F 37 7.02 -2.13 7.96
C THR F 37 8.04 -2.56 9.01
N VAL F 38 7.80 -2.17 10.27
CA VAL F 38 8.65 -2.49 11.42
C VAL F 38 8.68 -4.00 11.69
N ARG F 39 7.48 -4.63 11.83
CA ARG F 39 7.29 -6.07 12.12
C ARG F 39 8.03 -6.95 11.14
N LYS F 40 7.86 -6.68 9.84
CA LYS F 40 8.49 -7.48 8.79
C LYS F 40 9.89 -7.01 8.42
N ASP F 41 10.32 -5.84 8.95
CA ASP F 41 11.63 -5.20 8.68
C ASP F 41 11.80 -4.98 7.15
N LEU F 42 10.74 -4.40 6.55
CA LEU F 42 10.66 -4.13 5.11
C LEU F 42 11.46 -2.93 4.70
N THR F 43 12.13 -3.08 3.56
CA THR F 43 12.92 -2.05 2.93
C THR F 43 12.20 -1.67 1.67
N TYR F 44 12.02 -0.36 1.49
CA TYR F 44 11.36 0.17 0.31
C TYR F 44 12.32 0.95 -0.56
N THR F 45 11.90 1.21 -1.83
CA THR F 45 12.69 1.96 -2.81
C THR F 45 11.82 3.06 -3.43
N CYS F 46 12.36 4.28 -3.56
CA CYS F 46 11.64 5.35 -4.22
C CYS F 46 11.91 5.30 -5.70
N ARG F 47 10.85 5.24 -6.52
CA ARG F 47 11.03 5.19 -7.98
C ARG F 47 11.39 6.58 -8.56
N ASP F 48 11.30 7.63 -7.72
CA ASP F 48 11.57 9.03 -8.06
C ASP F 48 12.80 9.64 -7.32
N ASN F 49 12.70 10.90 -6.81
CA ASN F 49 13.79 11.63 -6.14
C ASN F 49 13.63 11.72 -4.61
N LYS F 50 13.01 10.71 -3.98
CA LYS F 50 12.85 10.64 -2.51
C LYS F 50 12.14 11.85 -1.86
N ASP F 51 11.24 12.50 -2.61
CA ASP F 51 10.52 13.70 -2.18
C ASP F 51 9.06 13.63 -2.67
N CYS F 52 8.48 12.42 -2.64
CA CYS F 52 7.10 12.22 -3.08
C CYS F 52 6.16 12.85 -2.08
N LEU F 53 5.08 13.48 -2.54
CA LEU F 53 4.13 14.11 -1.64
C LEU F 53 3.17 13.10 -0.99
N ILE F 54 3.16 13.08 0.34
CA ILE F 54 2.29 12.19 1.12
C ILE F 54 1.10 12.98 1.61
N ASP F 55 -0.07 12.61 1.12
CA ASP F 55 -1.33 13.19 1.56
C ASP F 55 -2.38 12.11 1.49
N LYS F 56 -3.61 12.39 1.96
CA LYS F 56 -4.70 11.42 2.00
C LYS F 56 -4.83 10.64 0.68
N ARG F 57 -4.88 11.39 -0.44
CA ARG F 57 -5.06 10.89 -1.80
C ARG F 57 -3.89 10.04 -2.30
N GLN F 58 -2.66 10.53 -2.09
CA GLN F 58 -1.44 9.96 -2.66
C GLN F 58 -0.53 9.19 -1.70
N ARG F 59 -0.98 8.87 -0.47
CA ARG F 59 -0.14 8.16 0.50
C ARG F 59 0.40 6.80 0.02
N ASN F 60 -0.39 6.08 -0.79
CA ASN F 60 -0.04 4.78 -1.34
C ASN F 60 0.85 4.79 -2.61
N ARG F 61 1.17 6.00 -3.13
CA ARG F 61 1.99 6.17 -4.32
C ARG F 61 3.45 5.72 -4.11
N CYS F 62 4.01 5.98 -2.91
CA CYS F 62 5.41 5.64 -2.62
C CYS F 62 5.58 5.19 -1.18
N GLN F 63 5.83 3.87 -1.00
CA GLN F 63 6.07 3.22 0.28
C GLN F 63 7.30 3.76 0.97
N TYR F 64 8.36 4.04 0.18
CA TYR F 64 9.59 4.58 0.71
C TYR F 64 9.37 5.94 1.36
N CYS F 65 8.74 6.87 0.61
CA CYS F 65 8.48 8.23 1.08
C CYS F 65 7.47 8.31 2.20
N ARG F 66 6.52 7.37 2.24
CA ARG F 66 5.53 7.30 3.31
C ARG F 66 6.22 6.87 4.62
N TYR F 67 7.12 5.89 4.53
CA TYR F 67 7.87 5.42 5.69
C TYR F 67 8.83 6.48 6.21
N GLN F 68 9.52 7.21 5.30
CA GLN F 68 10.45 8.29 5.71
C GLN F 68 9.72 9.44 6.38
N LYS F 69 8.45 9.70 5.98
CA LYS F 69 7.63 10.74 6.62
C LYS F 69 7.20 10.27 8.02
N CYS F 70 6.80 8.98 8.20
CA CYS F 70 6.47 8.39 9.52
C CYS F 70 7.62 8.65 10.49
N LEU F 71 8.86 8.34 10.06
CA LEU F 71 10.09 8.51 10.84
C LEU F 71 10.40 9.99 11.13
N ALA F 72 10.33 10.86 10.09
CA ALA F 72 10.57 12.30 10.23
C ALA F 72 9.54 12.97 11.14
N MET F 73 8.30 12.48 11.17
CA MET F 73 7.26 12.99 12.06
C MET F 73 7.43 12.54 13.52
N GLY F 74 8.28 11.53 13.75
CA GLY F 74 8.60 11.04 15.08
C GLY F 74 8.11 9.66 15.46
N MET F 75 7.60 8.87 14.49
CA MET F 75 7.11 7.51 14.80
C MET F 75 8.23 6.65 15.34
N LYS F 76 7.91 6.00 16.46
CA LYS F 76 8.86 5.22 17.21
C LYS F 76 8.83 3.75 16.84
N ARG F 77 9.93 3.29 16.24
CA ARG F 77 10.13 1.91 15.81
C ARG F 77 10.02 0.98 17.04
N GLU F 78 10.54 1.47 18.16
CA GLU F 78 10.60 0.83 19.47
C GLU F 78 9.22 0.55 20.09
N ALA F 79 8.18 1.35 19.71
CA ALA F 79 6.80 1.26 20.22
C ALA F 79 5.99 0.14 19.57
N VAL F 80 6.49 -0.42 18.46
CA VAL F 80 5.88 -1.56 17.79
C VAL F 80 6.30 -2.78 18.60
N GLN F 81 5.32 -3.50 19.15
CA GLN F 81 5.55 -4.68 19.99
C GLN F 81 5.67 -5.94 19.17
N GLU F 82 5.99 -7.07 19.81
CA GLU F 82 6.11 -8.37 19.16
C GLU F 82 4.72 -8.89 18.77
N GLU F 83 4.66 -9.69 17.72
CA GLU F 83 3.45 -10.34 17.22
C GLU F 83 2.78 -11.19 18.33
N ARG F 84 1.43 -11.26 18.32
CA ARG F 84 0.65 -12.02 19.30
C ARG F 84 -0.01 -13.30 18.76
N GLN F 85 -0.81 -13.17 17.66
CA GLN F 85 -1.53 -14.28 16.99
C GLN F 85 -2.55 -14.99 17.90
ZN ZN I . 2.43 12.95 -31.42
ZN ZN J . 2.46 20.88 -17.98
CL CL K . 8.41 19.37 -25.15
CL CL L . 4.52 20.19 -39.24
ZN ZN M . -9.42 -12.25 -12.44
ZN ZN N . 1.34 -18.48 -2.79
CL CL O . 6.72 -11.23 -6.99
ZN ZN P . 3.90 -9.88 34.96
ZN ZN Q . 1.00 -21.53 24.79
ZN ZN R . -2.10 9.15 7.77
ZN ZN S . 9.08 8.41 -3.40
#